data_1GMC
#
_entry.id   1GMC
#
_cell.length_a   69.540
_cell.length_b   69.520
_cell.length_c   98.010
_cell.angle_alpha   90.00
_cell.angle_beta   90.00
_cell.angle_gamma   90.00
#
_symmetry.space_group_name_H-M   'P 42 21 2'
#
loop_
_entity.id
_entity.type
_entity.pdbx_description
1 polymer 'GAMMA-CHYMOTRYPSIN A'
2 polymer 'GAMMA-CHYMOTRYPSIN A'
3 polymer 'GAMMA-CHYMOTRYPSIN A'
4 polymer 'PRO GLY ALA TYR PEPTIDE'
5 water water
#
loop_
_entity_poly.entity_id
_entity_poly.type
_entity_poly.pdbx_seq_one_letter_code
_entity_poly.pdbx_strand_id
1 'polypeptide(L)' CGVPAIQPVLSGL E
2 'polypeptide(L)'
;IVNGEEAVPGSWPWQVSLQDKTGFHFCGGSLINENWVVTAAHCGVTTSDVVVAGEFDQGSSSEKIQKLKIAKVFKNSKYN
SLTINNDITLLKLSTAASFSQTVSAVCLPSASDDFAAGTTCVTTGWGLTRY
;
F
3 'polypeptide(L)'
;ANTPDRLQQASLPLLSNTNCKKYWGTKIKDAMICAGASGVSSCMGDSGGPLVCKKNGAWTLVGIVSWGSSTCSTSTPGVY
ARVTALVNWVQQTLAAN
;
G
4 'polypeptide(L)' PGAY B
#
# COMPACT_ATOMS: atom_id res chain seq x y z
N CYS A 1 -11.81 0.60 -12.39
CA CYS A 1 -10.86 0.38 -11.26
C CYS A 1 -11.61 0.62 -9.97
N GLY A 2 -11.05 0.13 -8.87
CA GLY A 2 -11.62 0.35 -7.56
C GLY A 2 -12.92 -0.29 -7.16
N VAL A 3 -13.43 -1.21 -7.96
CA VAL A 3 -14.66 -1.88 -7.59
C VAL A 3 -14.49 -3.39 -7.74
N PRO A 4 -14.06 -4.04 -6.65
CA PRO A 4 -13.81 -5.48 -6.56
C PRO A 4 -14.99 -6.34 -7.03
N ALA A 5 -14.70 -7.51 -7.58
CA ALA A 5 -15.74 -8.43 -8.03
C ALA A 5 -16.32 -9.13 -6.78
N ILE A 6 -15.50 -9.20 -5.73
CA ILE A 6 -15.85 -9.81 -4.44
C ILE A 6 -15.77 -8.63 -3.48
N GLN A 7 -16.93 -8.08 -3.13
CA GLN A 7 -16.99 -6.91 -2.28
C GLN A 7 -16.48 -7.13 -0.86
N PRO A 8 -15.83 -6.10 -0.28
CA PRO A 8 -15.28 -6.17 1.07
C PRO A 8 -16.38 -6.18 2.11
N VAL A 9 -16.11 -6.83 3.23
CA VAL A 9 -17.06 -6.89 4.33
C VAL A 9 -16.31 -6.33 5.53
N LEU A 10 -16.71 -5.13 5.96
CA LEU A 10 -16.09 -4.41 7.10
C LEU A 10 -16.78 -4.48 8.48
N SER A 11 -16.06 -4.71 9.48
N ILE B 1 -0.65 -5.54 10.13
CA ILE B 1 -1.62 -4.64 10.83
C ILE B 1 -1.95 -5.06 12.26
N VAL B 2 -1.77 -4.15 13.22
CA VAL B 2 -2.11 -4.46 14.59
C VAL B 2 -3.58 -4.14 14.80
N ASN B 3 -4.28 -5.09 15.41
CA ASN B 3 -5.71 -4.97 15.68
C ASN B 3 -6.61 -4.94 14.45
N GLY B 4 -6.11 -5.53 13.37
CA GLY B 4 -6.88 -5.59 12.15
C GLY B 4 -7.72 -6.84 12.23
N GLU B 5 -8.30 -7.23 11.13
CA GLU B 5 -9.11 -8.43 11.08
C GLU B 5 -8.84 -9.09 9.75
N GLU B 6 -9.30 -10.32 9.61
CA GLU B 6 -9.09 -11.06 8.40
C GLU B 6 -10.05 -10.54 7.33
N ALA B 7 -9.56 -10.38 6.13
CA ALA B 7 -10.35 -9.90 5.02
C ALA B 7 -11.07 -11.07 4.35
N VAL B 8 -12.09 -10.74 3.57
CA VAL B 8 -12.81 -11.74 2.80
C VAL B 8 -11.80 -12.06 1.68
N PRO B 9 -11.63 -13.35 1.34
CA PRO B 9 -10.69 -13.71 0.29
C PRO B 9 -11.02 -13.11 -1.07
N GLY B 10 -10.02 -12.48 -1.67
CA GLY B 10 -10.19 -11.86 -2.98
C GLY B 10 -10.88 -10.50 -3.05
N SER B 11 -11.25 -9.95 -1.88
CA SER B 11 -11.97 -8.68 -1.82
C SER B 11 -11.15 -7.39 -2.02
N TRP B 12 -9.84 -7.53 -2.06
CA TRP B 12 -8.94 -6.41 -2.26
C TRP B 12 -8.05 -6.92 -3.40
N PRO B 13 -8.62 -7.02 -4.61
CA PRO B 13 -7.93 -7.54 -5.81
C PRO B 13 -6.61 -6.92 -6.25
N TRP B 14 -6.38 -5.66 -5.91
CA TRP B 14 -5.14 -4.97 -6.30
C TRP B 14 -3.97 -5.24 -5.36
N GLN B 15 -4.26 -5.72 -4.16
CA GLN B 15 -3.20 -5.98 -3.19
C GLN B 15 -2.26 -7.05 -3.72
N VAL B 16 -0.98 -6.71 -3.88
CA VAL B 16 0.02 -7.68 -4.31
C VAL B 16 1.03 -7.85 -3.18
N SER B 17 1.83 -8.92 -3.25
CA SER B 17 2.84 -9.21 -2.25
C SER B 17 4.20 -9.24 -2.93
N LEU B 18 5.11 -8.41 -2.43
CA LEU B 18 6.46 -8.40 -2.97
C LEU B 18 7.23 -9.42 -2.13
N GLN B 19 7.79 -10.43 -2.79
CA GLN B 19 8.59 -11.47 -2.11
C GLN B 19 9.98 -11.53 -2.73
N ASP B 20 11.00 -11.84 -1.94
CA ASP B 20 12.35 -11.97 -2.49
C ASP B 20 12.45 -13.40 -3.09
N LYS B 21 13.59 -13.78 -3.69
CA LYS B 21 13.73 -15.12 -4.33
C LYS B 21 13.64 -16.32 -3.37
N THR B 22 13.74 -15.99 -2.10
CA THR B 22 13.66 -16.93 -1.01
C THR B 22 12.18 -17.31 -0.76
N GLY B 23 11.25 -16.47 -1.20
CA GLY B 23 9.82 -16.68 -0.99
C GLY B 23 9.30 -15.84 0.18
N PHE B 24 10.20 -15.08 0.81
CA PHE B 24 9.89 -14.23 1.96
C PHE B 24 9.09 -12.97 1.57
N HIS B 25 7.97 -12.73 2.26
CA HIS B 25 7.18 -11.52 2.00
C HIS B 25 7.89 -10.38 2.72
N PHE B 26 8.30 -9.36 2.00
CA PHE B 26 8.97 -8.24 2.67
C PHE B 26 8.25 -6.89 2.55
N CYS B 27 7.33 -6.75 1.58
CA CYS B 27 6.60 -5.48 1.35
C CYS B 27 5.32 -5.73 0.51
N GLY B 28 4.31 -4.88 0.66
CA GLY B 28 3.10 -5.04 -0.12
C GLY B 28 3.11 -4.05 -1.30
N GLY B 29 2.08 -4.07 -2.14
CA GLY B 29 2.01 -3.15 -3.26
C GLY B 29 0.59 -3.16 -3.80
N SER B 30 0.28 -2.29 -4.76
CA SER B 30 -1.06 -2.22 -5.38
C SER B 30 -0.98 -2.21 -6.93
N LEU B 31 -1.75 -3.08 -7.57
CA LEU B 31 -1.78 -3.11 -9.04
C LEU B 31 -2.56 -1.88 -9.53
N ILE B 32 -1.96 -1.07 -10.40
CA ILE B 32 -2.69 0.08 -10.93
C ILE B 32 -3.19 -0.17 -12.35
N ASN B 33 -2.77 -1.31 -12.92
CA ASN B 33 -3.18 -1.78 -14.24
C ASN B 33 -2.48 -3.12 -14.50
N GLU B 34 -2.74 -3.78 -15.61
CA GLU B 34 -2.15 -5.10 -15.89
C GLU B 34 -0.63 -5.18 -15.96
N ASN B 35 0.04 -4.04 -16.12
CA ASN B 35 1.50 -3.99 -16.24
C ASN B 35 2.23 -3.16 -15.19
N TRP B 36 1.50 -2.60 -14.24
CA TRP B 36 2.18 -1.75 -13.28
C TRP B 36 1.65 -1.90 -11.90
N VAL B 37 2.57 -2.03 -10.95
CA VAL B 37 2.24 -2.12 -9.54
C VAL B 37 2.97 -0.95 -8.87
N VAL B 38 2.35 -0.39 -7.83
CA VAL B 38 2.94 0.73 -7.10
C VAL B 38 3.25 0.29 -5.69
N THR B 39 4.44 0.67 -5.20
CA THR B 39 4.85 0.30 -3.87
C THR B 39 5.66 1.45 -3.25
N ALA B 40 6.31 1.19 -2.10
CA ALA B 40 7.12 2.20 -1.41
C ALA B 40 8.55 2.16 -1.91
N ALA B 41 9.16 3.34 -2.02
CA ALA B 41 10.52 3.43 -2.50
C ALA B 41 11.48 2.75 -1.54
N HIS B 42 11.17 2.83 -0.25
CA HIS B 42 12.05 2.27 0.77
C HIS B 42 12.03 0.73 0.87
N CYS B 43 11.20 0.09 0.06
CA CYS B 43 11.16 -1.36 0.06
C CYS B 43 12.45 -1.91 -0.60
N GLY B 44 13.06 -1.11 -1.46
CA GLY B 44 14.28 -1.56 -2.11
C GLY B 44 14.13 -2.73 -3.06
N VAL B 45 13.00 -2.75 -3.75
CA VAL B 45 12.70 -3.81 -4.69
C VAL B 45 13.74 -3.77 -5.81
N THR B 46 14.18 -4.96 -6.22
CA THR B 46 15.14 -5.14 -7.31
C THR B 46 14.44 -6.05 -8.35
N THR B 47 15.09 -6.32 -9.47
CA THR B 47 14.48 -7.15 -10.50
C THR B 47 14.52 -8.65 -10.22
N SER B 48 15.18 -9.05 -9.14
CA SER B 48 15.21 -10.47 -8.82
C SER B 48 14.10 -10.82 -7.83
N ASP B 49 13.36 -9.78 -7.41
CA ASP B 49 12.21 -9.93 -6.50
C ASP B 49 10.99 -10.29 -7.35
N VAL B 50 9.99 -10.90 -6.72
CA VAL B 50 8.77 -11.33 -7.41
C VAL B 50 7.51 -10.66 -6.84
N VAL B 51 6.54 -10.41 -7.72
CA VAL B 51 5.26 -9.82 -7.36
C VAL B 51 4.20 -10.90 -7.42
N VAL B 52 3.58 -11.21 -6.29
CA VAL B 52 2.53 -12.21 -6.23
C VAL B 52 1.15 -11.51 -6.16
N ALA B 53 0.25 -11.91 -7.05
CA ALA B 53 -1.10 -11.37 -7.18
C ALA B 53 -2.14 -12.48 -6.94
N GLY B 54 -3.38 -12.11 -6.57
CA GLY B 54 -4.44 -13.07 -6.31
C GLY B 54 -4.20 -13.98 -5.11
N GLU B 55 -3.35 -13.53 -4.19
CA GLU B 55 -3.05 -14.32 -3.03
C GLU B 55 -3.79 -13.88 -1.77
N PHE B 56 -4.28 -14.84 -0.97
CA PHE B 56 -4.95 -14.47 0.28
C PHE B 56 -4.23 -15.10 1.48
N ASP B 57 -3.93 -16.40 1.36
CA ASP B 57 -3.27 -17.14 2.42
C ASP B 57 -1.89 -17.51 1.90
N GLN B 58 -0.85 -16.94 2.52
CA GLN B 58 0.53 -17.23 2.13
C GLN B 58 0.92 -18.66 2.48
N GLY B 59 0.11 -19.34 3.28
CA GLY B 59 0.40 -20.71 3.65
C GLY B 59 -0.27 -21.74 2.76
N SER B 60 -1.16 -21.30 1.88
CA SER B 60 -1.87 -22.21 0.98
C SER B 60 -1.09 -22.49 -0.30
N SER B 61 -1.10 -23.75 -0.73
CA SER B 61 -0.41 -24.14 -1.95
C SER B 61 -1.43 -24.40 -3.05
N SER B 62 -2.70 -24.29 -2.70
CA SER B 62 -3.78 -24.55 -3.62
C SER B 62 -4.50 -23.30 -4.17
N GLU B 63 -3.89 -22.12 -4.00
CA GLU B 63 -4.52 -20.91 -4.53
C GLU B 63 -3.97 -20.71 -5.94
N LYS B 64 -4.80 -20.21 -6.85
CA LYS B 64 -4.38 -19.92 -8.23
C LYS B 64 -3.74 -18.51 -8.20
N ILE B 65 -2.48 -18.44 -7.81
CA ILE B 65 -1.83 -17.15 -7.72
C ILE B 65 -0.98 -16.84 -8.95
N GLN B 66 -0.69 -15.56 -9.16
CA GLN B 66 0.12 -15.15 -10.29
C GLN B 66 1.50 -14.62 -9.83
N LYS B 67 2.57 -15.30 -10.22
CA LYS B 67 3.93 -14.88 -9.88
C LYS B 67 4.50 -14.14 -11.07
N LEU B 68 4.47 -12.82 -10.96
CA LEU B 68 4.92 -11.93 -12.01
C LEU B 68 6.35 -11.39 -11.82
N LYS B 69 7.10 -11.36 -12.91
CA LYS B 69 8.46 -10.87 -12.89
C LYS B 69 8.50 -9.36 -13.15
N ILE B 70 9.50 -8.72 -12.57
CA ILE B 70 9.71 -7.28 -12.68
C ILE B 70 10.68 -6.94 -13.83
N ALA B 71 10.24 -6.12 -14.78
CA ALA B 71 11.10 -5.74 -15.90
C ALA B 71 12.07 -4.63 -15.49
N LYS B 72 11.50 -3.58 -14.88
CA LYS B 72 12.26 -2.42 -14.46
C LYS B 72 11.65 -1.74 -13.23
N VAL B 73 12.53 -1.22 -12.36
CA VAL B 73 12.12 -0.53 -11.14
C VAL B 73 12.27 0.98 -11.37
N PHE B 74 11.24 1.75 -11.05
CA PHE B 74 11.25 3.19 -11.25
C PHE B 74 11.10 3.88 -9.90
N LYS B 75 12.23 4.32 -9.33
CA LYS B 75 12.23 4.99 -8.04
C LYS B 75 11.99 6.48 -8.26
N ASN B 76 11.00 7.01 -7.56
CA ASN B 76 10.66 8.42 -7.69
C ASN B 76 11.94 9.23 -7.48
N SER B 77 12.31 10.02 -8.48
CA SER B 77 13.53 10.84 -8.45
C SER B 77 13.56 11.84 -7.30
N LYS B 78 12.40 12.08 -6.70
CA LYS B 78 12.29 13.02 -5.59
C LYS B 78 12.40 12.30 -4.25
N TYR B 79 12.48 10.98 -4.27
CA TYR B 79 12.57 10.21 -3.03
C TYR B 79 13.74 10.61 -2.15
N ASN B 80 13.47 10.82 -0.88
CA ASN B 80 14.52 11.20 0.04
C ASN B 80 14.69 10.12 1.09
N SER B 81 15.81 9.40 1.03
CA SER B 81 16.08 8.33 1.99
C SER B 81 16.38 8.84 3.38
N LEU B 82 16.84 10.07 3.50
CA LEU B 82 17.14 10.63 4.80
C LEU B 82 15.84 10.95 5.55
N THR B 83 14.84 11.46 4.84
CA THR B 83 13.58 11.80 5.50
C THR B 83 12.45 10.83 5.19
N ILE B 84 12.70 9.92 4.23
CA ILE B 84 11.69 8.97 3.78
C ILE B 84 10.52 9.74 3.11
N ASN B 85 10.83 10.88 2.49
CA ASN B 85 9.81 11.67 1.80
C ASN B 85 9.71 11.21 0.36
N ASN B 86 8.51 11.34 -0.24
CA ASN B 86 8.23 10.91 -1.64
C ASN B 86 8.56 9.44 -1.86
N ASP B 87 8.14 8.65 -0.88
CA ASP B 87 8.34 7.21 -0.74
C ASP B 87 7.42 6.41 -1.68
N ILE B 88 7.68 6.52 -2.98
CA ILE B 88 6.89 5.81 -3.99
C ILE B 88 7.80 5.32 -5.13
N THR B 89 7.54 4.09 -5.56
CA THR B 89 8.31 3.41 -6.62
C THR B 89 7.37 2.61 -7.48
N LEU B 90 7.55 2.75 -8.79
CA LEU B 90 6.74 2.03 -9.75
C LEU B 90 7.48 0.79 -10.25
N LEU B 91 6.72 -0.28 -10.43
CA LEU B 91 7.28 -1.52 -10.97
C LEU B 91 6.62 -1.86 -12.29
N LYS B 92 7.44 -1.97 -13.34
CA LYS B 92 6.95 -2.35 -14.65
C LYS B 92 7.15 -3.85 -14.70
N LEU B 93 6.07 -4.61 -14.92
CA LEU B 93 6.13 -6.08 -14.94
C LEU B 93 6.57 -6.61 -16.30
N SER B 94 7.44 -7.61 -16.32
CA SER B 94 7.87 -8.16 -17.60
C SER B 94 6.72 -8.97 -18.12
N THR B 95 6.05 -9.67 -17.20
CA THR B 95 4.90 -10.49 -17.52
C THR B 95 3.67 -9.69 -17.09
N ALA B 96 2.70 -9.55 -17.99
CA ALA B 96 1.48 -8.82 -17.68
C ALA B 96 0.51 -9.65 -16.81
N ALA B 97 -0.01 -9.03 -15.77
CA ALA B 97 -0.96 -9.67 -14.87
C ALA B 97 -2.27 -9.89 -15.65
N SER B 98 -2.97 -10.97 -15.31
CA SER B 98 -4.24 -11.30 -15.95
C SER B 98 -5.33 -11.02 -14.92
N PHE B 99 -6.15 -10.00 -15.19
CA PHE B 99 -7.23 -9.62 -14.29
C PHE B 99 -8.36 -10.67 -14.32
N SER B 100 -8.93 -10.90 -13.14
CA SER B 100 -9.96 -11.88 -12.95
C SER B 100 -10.79 -11.37 -11.77
N GLN B 101 -11.62 -12.23 -11.18
CA GLN B 101 -12.41 -11.79 -10.02
C GLN B 101 -11.53 -11.43 -8.84
N THR B 102 -10.36 -12.06 -8.76
CA THR B 102 -9.48 -11.82 -7.63
C THR B 102 -8.28 -10.91 -7.91
N VAL B 103 -8.11 -10.51 -9.15
CA VAL B 103 -7.00 -9.66 -9.53
C VAL B 103 -7.47 -8.51 -10.43
N SER B 104 -7.33 -7.29 -9.93
CA SER B 104 -7.73 -6.09 -10.67
C SER B 104 -7.05 -4.83 -10.13
N ALA B 105 -7.43 -3.67 -10.65
CA ALA B 105 -6.77 -2.43 -10.28
C ALA B 105 -7.46 -1.45 -9.35
N VAL B 106 -6.66 -0.79 -8.51
CA VAL B 106 -7.19 0.22 -7.62
C VAL B 106 -7.17 1.51 -8.46
N CYS B 107 -8.03 2.47 -8.16
CA CYS B 107 -8.08 3.75 -8.88
C CYS B 107 -7.07 4.73 -8.26
N LEU B 108 -6.59 5.69 -9.06
CA LEU B 108 -5.67 6.73 -8.56
C LEU B 108 -6.44 8.05 -8.46
N PRO B 109 -6.14 8.88 -7.46
CA PRO B 109 -6.87 10.14 -7.34
C PRO B 109 -6.30 11.16 -8.34
N SER B 110 -7.01 12.26 -8.58
CA SER B 110 -6.45 13.26 -9.47
C SER B 110 -5.67 14.15 -8.52
N ALA B 111 -4.66 14.83 -9.01
CA ALA B 111 -3.84 15.71 -8.17
C ALA B 111 -4.74 16.64 -7.36
N SER B 112 -5.91 16.96 -7.90
CA SER B 112 -6.86 17.88 -7.27
C SER B 112 -7.69 17.32 -6.12
N ASP B 113 -7.83 16.00 -6.04
CA ASP B 113 -8.65 15.35 -5.01
C ASP B 113 -8.32 15.69 -3.55
N ASP B 114 -9.37 15.90 -2.75
CA ASP B 114 -9.19 16.19 -1.33
C ASP B 114 -9.91 15.16 -0.48
N PHE B 115 -9.20 14.67 0.52
CA PHE B 115 -9.74 13.67 1.42
C PHE B 115 -9.65 14.29 2.80
N ALA B 116 -10.81 14.68 3.31
CA ALA B 116 -10.93 15.35 4.61
C ALA B 116 -10.52 14.54 5.82
N ALA B 117 -9.91 15.21 6.79
CA ALA B 117 -9.53 14.59 8.06
C ALA B 117 -10.84 14.08 8.66
N GLY B 118 -10.82 12.90 9.29
CA GLY B 118 -12.02 12.35 9.88
C GLY B 118 -12.58 11.26 8.99
N THR B 119 -12.25 11.32 7.70
CA THR B 119 -12.72 10.30 6.76
C THR B 119 -12.16 8.94 7.17
N THR B 120 -13.02 7.92 7.16
CA THR B 120 -12.59 6.55 7.47
C THR B 120 -12.27 5.80 6.18
N CYS B 121 -11.00 5.43 6.05
CA CYS B 121 -10.50 4.70 4.89
C CYS B 121 -10.04 3.32 5.35
N VAL B 122 -9.36 2.59 4.48
CA VAL B 122 -8.94 1.22 4.80
C VAL B 122 -7.51 0.92 4.33
N THR B 123 -6.81 0.08 5.10
CA THR B 123 -5.47 -0.34 4.74
C THR B 123 -5.39 -1.86 4.94
N THR B 124 -4.71 -2.54 4.03
CA THR B 124 -4.60 -4.01 4.06
C THR B 124 -3.13 -4.51 3.97
N GLY B 125 -2.90 -5.75 4.38
CA GLY B 125 -1.56 -6.27 4.28
C GLY B 125 -1.28 -7.48 5.13
N TRP B 126 -0.09 -8.04 4.93
CA TRP B 126 0.38 -9.19 5.70
C TRP B 126 1.51 -8.75 6.68
N GLY B 127 1.49 -7.48 7.10
CA GLY B 127 2.51 -7.01 8.04
C GLY B 127 2.24 -7.57 9.44
N LEU B 128 3.23 -7.57 10.31
CA LEU B 128 3.07 -8.10 11.66
C LEU B 128 1.72 -7.70 12.29
N THR B 129 1.19 -8.59 13.12
CA THR B 129 -0.09 -8.34 13.82
C THR B 129 0.12 -7.87 15.25
N ARG B 130 1.37 -7.97 15.69
CA ARG B 130 1.75 -7.53 17.02
C ARG B 130 3.28 -7.52 17.10
N TYR B 131 3.81 -6.51 17.75
CA TYR B 131 5.26 -6.36 17.91
C TYR B 131 5.66 -6.85 19.31
N THR C 3 3.87 -12.78 11.79
CA THR C 3 3.44 -12.34 10.42
C THR C 3 2.29 -13.25 10.01
N PRO C 4 1.11 -12.67 9.70
CA PRO C 4 -0.06 -13.45 9.30
C PRO C 4 0.06 -14.10 7.92
N ASP C 5 -0.54 -15.28 7.79
CA ASP C 5 -0.56 -16.00 6.52
C ASP C 5 -1.71 -15.43 5.67
N ARG C 6 -2.79 -15.02 6.32
CA ARG C 6 -3.95 -14.50 5.62
C ARG C 6 -4.05 -12.98 5.66
N LEU C 7 -4.43 -12.39 4.53
CA LEU C 7 -4.56 -10.94 4.37
C LEU C 7 -5.45 -10.29 5.41
N GLN C 8 -4.89 -9.26 6.08
CA GLN C 8 -5.58 -8.51 7.12
C GLN C 8 -6.08 -7.20 6.55
N GLN C 9 -7.02 -6.60 7.29
CA GLN C 9 -7.63 -5.35 6.89
C GLN C 9 -7.97 -4.58 8.17
N ALA C 10 -8.11 -3.26 8.05
CA ALA C 10 -8.50 -2.39 9.16
C ALA C 10 -8.96 -1.04 8.62
N SER C 11 -9.98 -0.45 9.24
CA SER C 11 -10.40 0.88 8.77
C SER C 11 -9.86 1.85 9.82
N LEU C 12 -9.52 3.06 9.40
CA LEU C 12 -8.93 4.03 10.32
C LEU C 12 -9.17 5.45 9.82
N PRO C 13 -9.29 6.43 10.72
CA PRO C 13 -9.52 7.81 10.25
C PRO C 13 -8.30 8.51 9.70
N LEU C 14 -8.50 9.40 8.75
CA LEU C 14 -7.42 10.22 8.21
C LEU C 14 -7.26 11.42 9.17
N LEU C 15 -6.04 11.93 9.31
CA LEU C 15 -5.80 13.09 10.18
C LEU C 15 -5.27 14.24 9.33
N SER C 16 -5.21 15.44 9.89
CA SER C 16 -4.65 16.59 9.18
C SER C 16 -3.15 16.55 9.48
N ASN C 17 -2.31 17.09 8.58
CA ASN C 17 -0.88 17.13 8.83
C ASN C 17 -0.53 17.94 10.08
N THR C 18 -1.25 19.04 10.32
CA THR C 18 -0.98 19.88 11.48
C THR C 18 -1.26 19.16 12.79
N ASN C 19 -2.29 18.32 12.82
CA ASN C 19 -2.64 17.55 14.00
C ASN C 19 -1.59 16.45 14.16
N CYS C 20 -1.20 15.84 13.03
CA CYS C 20 -0.18 14.77 13.02
C CYS C 20 1.20 15.27 13.46
N LYS C 21 1.49 16.54 13.19
CA LYS C 21 2.76 17.15 13.58
C LYS C 21 2.92 17.21 15.11
N LYS C 22 1.82 17.02 15.82
CA LYS C 22 1.87 17.03 17.27
C LYS C 22 2.51 15.74 17.79
N TYR C 23 2.36 14.66 17.02
CA TYR C 23 2.95 13.38 17.40
C TYR C 23 4.34 13.24 16.81
N TRP C 24 4.46 13.65 15.55
CA TRP C 24 5.69 13.49 14.79
C TRP C 24 6.58 14.71 14.57
N GLY C 25 6.06 15.89 14.83
CA GLY C 25 6.86 17.07 14.64
C GLY C 25 7.21 17.37 13.19
N THR C 26 8.44 17.82 12.98
CA THR C 26 8.90 18.22 11.65
C THR C 26 9.22 17.12 10.64
N LYS C 27 9.05 15.87 11.04
CA LYS C 27 9.30 14.76 10.13
C LYS C 27 8.11 14.63 9.18
N ILE C 28 6.99 15.23 9.52
CA ILE C 28 5.82 15.12 8.66
C ILE C 28 5.95 16.14 7.53
N LYS C 29 6.25 15.64 6.33
CA LYS C 29 6.40 16.50 5.15
C LYS C 29 5.12 16.57 4.37
N ASP C 30 5.09 17.41 3.35
CA ASP C 30 3.89 17.58 2.54
C ASP C 30 3.41 16.41 1.71
N ALA C 31 4.35 15.56 1.29
CA ALA C 31 4.00 14.39 0.49
C ALA C 31 3.70 13.19 1.42
N MET C 32 3.28 13.50 2.64
CA MET C 32 2.93 12.50 3.65
C MET C 32 1.52 12.76 4.15
N ILE C 33 0.84 11.70 4.58
CA ILE C 33 -0.51 11.82 5.11
C ILE C 33 -0.64 10.76 6.21
N CYS C 34 -1.07 11.18 7.38
CA CYS C 34 -1.21 10.29 8.50
C CYS C 34 -2.61 9.67 8.61
N ALA C 35 -2.71 8.60 9.40
CA ALA C 35 -3.97 7.92 9.63
C ALA C 35 -3.79 7.00 10.81
N GLY C 36 -4.82 6.80 11.59
CA GLY C 36 -4.70 5.89 12.72
C GLY C 36 -4.90 6.54 14.06
N ALA C 37 -4.08 6.14 15.05
CA ALA C 37 -4.14 6.65 16.42
C ALA C 37 -5.56 6.37 16.88
N SER C 38 -6.10 5.30 16.32
CA SER C 38 -7.48 4.91 16.54
C SER C 38 -7.67 3.52 17.12
N GLY C 39 -6.63 2.89 17.66
CA GLY C 39 -6.82 1.54 18.18
C GLY C 39 -6.34 0.46 17.22
N VAL C 40 -5.91 0.85 16.01
CA VAL C 40 -5.36 -0.06 15.00
C VAL C 40 -4.06 0.59 14.52
N SER C 41 -3.21 -0.18 13.86
CA SER C 41 -1.95 0.36 13.34
C SER C 41 -1.25 -0.50 12.30
N SER C 42 -0.83 0.11 11.20
CA SER C 42 -0.06 -0.62 10.19
C SER C 42 1.23 -1.00 10.93
N CYS C 43 1.94 -2.01 10.44
CA CYS C 43 3.17 -2.44 11.14
C CYS C 43 4.20 -2.89 10.13
N MET C 44 5.34 -3.39 10.59
CA MET C 44 6.41 -3.86 9.71
C MET C 44 5.88 -4.92 8.72
N GLY C 45 6.33 -4.86 7.46
CA GLY C 45 5.89 -5.84 6.48
C GLY C 45 4.70 -5.37 5.67
N ASP C 46 4.00 -4.33 6.15
CA ASP C 46 2.85 -3.73 5.46
C ASP C 46 3.26 -2.66 4.43
N SER C 47 4.48 -2.14 4.59
CA SER C 47 5.07 -1.12 3.75
C SER C 47 4.84 -1.37 2.27
N GLY C 48 4.54 -0.30 1.53
CA GLY C 48 4.31 -0.41 0.10
C GLY C 48 2.85 -0.65 -0.19
N GLY C 49 2.13 -1.19 0.79
CA GLY C 49 0.71 -1.47 0.62
C GLY C 49 -0.20 -0.25 0.59
N PRO C 50 -1.47 -0.48 0.22
CA PRO C 50 -2.52 0.54 0.11
C PRO C 50 -3.27 1.05 1.34
N LEU C 51 -3.62 2.33 1.25
CA LEU C 51 -4.48 3.01 2.21
C LEU C 51 -5.50 3.56 1.18
N VAL C 52 -6.63 2.87 1.06
CA VAL C 52 -7.67 3.25 0.12
C VAL C 52 -8.87 3.91 0.80
N CYS C 53 -9.46 4.87 0.09
CA CYS C 53 -10.65 5.58 0.55
C CYS C 53 -11.66 5.44 -0.60
N LYS C 54 -12.93 5.27 -0.26
CA LYS C 54 -13.98 5.11 -1.27
C LYS C 54 -14.50 6.49 -1.74
N LYS C 55 -14.31 6.78 -3.02
CA LYS C 55 -14.72 8.06 -3.57
C LYS C 55 -15.60 7.78 -4.80
N ASN C 56 -16.87 8.17 -4.71
CA ASN C 56 -17.89 8.00 -5.78
C ASN C 56 -18.14 6.52 -6.12
N GLY C 57 -18.13 5.65 -5.12
CA GLY C 57 -18.37 4.23 -5.33
C GLY C 57 -17.13 3.36 -5.53
N ALA C 58 -16.00 3.95 -5.89
CA ALA C 58 -14.77 3.21 -6.12
C ALA C 58 -13.66 3.48 -5.12
N TRP C 59 -12.90 2.43 -4.82
CA TRP C 59 -11.79 2.57 -3.90
C TRP C 59 -10.68 3.26 -4.66
N THR C 60 -10.22 4.38 -4.13
CA THR C 60 -9.14 5.18 -4.74
C THR C 60 -7.92 5.18 -3.80
N LEU C 61 -6.73 4.97 -4.38
CA LEU C 61 -5.46 4.91 -3.66
C LEU C 61 -5.13 6.29 -3.13
N VAL C 62 -5.23 6.43 -1.80
CA VAL C 62 -4.97 7.71 -1.14
C VAL C 62 -3.57 7.81 -0.54
N GLY C 63 -3.04 6.72 0.01
CA GLY C 63 -1.71 6.72 0.62
C GLY C 63 -1.05 5.35 0.42
N ILE C 64 0.26 5.26 0.66
CA ILE C 64 1.05 4.01 0.55
C ILE C 64 1.77 3.86 1.90
N VAL C 65 1.58 2.73 2.58
CA VAL C 65 2.23 2.51 3.89
C VAL C 65 3.77 2.80 3.83
N SER C 66 4.23 3.79 4.61
CA SER C 66 5.64 4.18 4.66
C SER C 66 6.28 3.90 6.01
N TRP C 67 5.90 4.69 7.02
CA TRP C 67 6.49 4.53 8.34
C TRP C 67 5.58 4.99 9.44
N GLY C 68 6.03 4.79 10.67
CA GLY C 68 5.27 5.16 11.84
C GLY C 68 6.03 4.67 13.07
N SER C 69 5.31 4.46 14.16
CA SER C 69 5.87 3.96 15.42
C SER C 69 6.70 2.67 15.26
N SER C 70 7.83 2.59 15.96
CA SER C 70 8.73 1.42 15.90
C SER C 70 8.16 0.15 16.55
N THR C 71 7.15 0.30 17.41
CA THR C 71 6.50 -0.81 18.08
C THR C 71 5.03 -0.92 17.60
N CYS C 72 4.72 -0.20 16.52
CA CYS C 72 3.39 -0.20 15.93
C CYS C 72 2.29 0.14 16.94
N SER C 73 2.53 1.16 17.77
CA SER C 73 1.58 1.60 18.77
C SER C 73 0.26 2.02 18.14
N THR C 74 -0.83 1.38 18.54
CA THR C 74 -2.17 1.68 18.01
C THR C 74 -2.68 3.05 18.46
N SER C 75 -1.89 3.67 19.33
CA SER C 75 -2.19 4.96 19.89
C SER C 75 -1.56 6.12 19.13
N THR C 76 -0.63 5.83 18.21
CA THR C 76 0.03 6.87 17.43
C THR C 76 -0.30 6.63 15.95
N PRO C 77 -0.40 7.71 15.17
CA PRO C 77 -0.71 7.59 13.75
C PRO C 77 0.42 7.08 12.88
N GLY C 78 0.05 6.25 11.90
CA GLY C 78 1.02 5.72 10.97
C GLY C 78 1.24 6.80 9.91
N VAL C 79 2.29 6.70 9.10
CA VAL C 79 2.56 7.71 8.07
C VAL C 79 2.66 7.03 6.71
N TYR C 80 1.86 7.55 5.78
CA TYR C 80 1.76 7.04 4.43
C TYR C 80 2.17 8.11 3.42
N ALA C 81 2.68 7.67 2.28
CA ALA C 81 3.05 8.59 1.21
C ALA C 81 1.71 9.10 0.66
N ARG C 82 1.60 10.40 0.48
CA ARG C 82 0.38 10.99 -0.04
C ARG C 82 0.35 10.93 -1.58
N VAL C 83 -0.51 10.05 -2.10
CA VAL C 83 -0.64 9.84 -3.54
C VAL C 83 -1.03 11.05 -4.38
N THR C 84 -1.83 11.97 -3.85
CA THR C 84 -2.20 13.15 -4.65
C THR C 84 -0.95 13.95 -5.05
N ALA C 85 0.02 14.02 -4.14
CA ALA C 85 1.27 14.75 -4.37
C ALA C 85 2.24 13.97 -5.27
N LEU C 86 1.86 12.74 -5.62
CA LEU C 86 2.72 11.88 -6.42
C LEU C 86 2.11 11.41 -7.72
N VAL C 87 0.79 11.49 -7.83
CA VAL C 87 0.09 11.02 -9.01
C VAL C 87 0.58 11.61 -10.32
N ASN C 88 0.98 12.89 -10.33
CA ASN C 88 1.49 13.49 -11.57
C ASN C 88 2.75 12.74 -12.03
N TRP C 89 3.64 12.38 -11.11
CA TRP C 89 4.83 11.63 -11.47
C TRP C 89 4.46 10.23 -12.00
N VAL C 90 3.44 9.61 -11.43
CA VAL C 90 3.01 8.29 -11.91
C VAL C 90 2.51 8.41 -13.36
N GLN C 91 1.70 9.43 -13.63
CA GLN C 91 1.15 9.64 -14.96
C GLN C 91 2.26 9.87 -15.97
N GLN C 92 3.22 10.69 -15.59
CA GLN C 92 4.34 10.96 -16.47
C GLN C 92 5.11 9.67 -16.74
N THR C 93 5.37 8.89 -15.71
CA THR C 93 6.11 7.64 -15.85
C THR C 93 5.40 6.60 -16.71
N LEU C 94 4.09 6.46 -16.55
CA LEU C 94 3.36 5.49 -17.36
C LEU C 94 3.30 5.95 -18.81
N ALA C 95 3.11 7.25 -19.00
CA ALA C 95 3.00 7.86 -20.32
C ALA C 95 4.24 7.81 -21.19
N ALA C 96 5.39 7.56 -20.56
CA ALA C 96 6.64 7.50 -21.28
C ALA C 96 7.27 6.11 -21.36
N ASN C 97 6.55 5.08 -20.89
CA ASN C 97 7.03 3.69 -20.93
C ASN C 97 5.84 2.78 -21.20
N PRO D 1 14.05 -1.08 12.46
CA PRO D 1 13.09 -0.24 11.68
C PRO D 1 12.61 1.06 12.31
N GLY D 2 11.53 1.55 11.70
CA GLY D 2 10.85 2.79 12.06
C GLY D 2 9.93 2.83 10.84
N ALA D 3 10.50 2.42 9.70
CA ALA D 3 9.78 2.31 8.44
C ALA D 3 9.06 0.95 8.46
N TYR D 4 7.89 0.86 7.83
CA TYR D 4 7.07 -0.38 7.76
C TYR D 4 6.97 -0.98 6.35
#